data_1XC3
#
_entry.id   1XC3
#
_cell.length_a   112.660
_cell.length_b   112.660
_cell.length_c   75.087
_cell.angle_alpha   90.00
_cell.angle_beta   90.00
_cell.angle_gamma   120.00
#
_symmetry.space_group_name_H-M   'P 31 2 1'
#
loop_
_entity.id
_entity.type
_entity.pdbx_description
1 polymer 'Putative fructokinase'
2 non-polymer 'PLATINUM (II) ION'
3 non-polymer 'ZINC ION'
4 non-polymer GLYCEROL
5 water water
#
_entity_poly.entity_id   1
_entity_poly.type   'polypeptide(L)'
_entity_poly.pdbx_seq_one_letter_code
;SNAMLGGIEAGGTKFVCAVGREDGTIIDRIEFPTKMPDETIEKVIQYFSQFSLQAIGIGSFGPVDNDKTSQTYGTITATP
KAGWRHYPFLQTVKNEMKIPVGFSTDVNAAALGEFLFGEAKGLDSCLYITIGTGIGAGAIVEGRLLQGLSHPEMGHIYIR
RHPDDVYQGKCPYHGDCFEGLASGPAIEARWGKKAADLSDIAQVWELEGYYIAQALAQYILILAPKKIILGGGVMQQKQV
FSYIYQYVPKIMNSYLDFSELSDDISDYIVPPRLGSNAGIIGTLVLAHQALQAEAASGEVRS
;
_entity_poly.pdbx_strand_id   A
#
# COMPACT_ATOMS: atom_id res chain seq x y z
N ALA A 3 -7.28 -11.16 -24.01
CA ALA A 3 -7.76 -10.32 -22.87
C ALA A 3 -6.57 -9.81 -22.03
N MET A 4 -5.91 -8.77 -22.52
CA MET A 4 -4.70 -8.29 -21.89
C MET A 4 -4.90 -6.97 -21.18
N LEU A 5 -4.35 -6.88 -19.97
CA LEU A 5 -4.52 -5.72 -19.10
C LEU A 5 -3.17 -5.09 -18.77
N GLY A 6 -3.16 -3.77 -18.65
CA GLY A 6 -1.97 -3.05 -18.19
C GLY A 6 -2.11 -2.60 -16.73
N GLY A 7 -0.99 -2.56 -16.02
CA GLY A 7 -0.95 -2.06 -14.67
C GLY A 7 0.17 -1.06 -14.48
N ILE A 8 -0.12 0.01 -13.77
CA ILE A 8 0.90 0.99 -13.41
C ILE A 8 0.90 1.12 -11.89
N GLU A 9 2.00 0.77 -11.27
CA GLU A 9 2.20 1.08 -9.86
C GLU A 9 3.15 2.26 -9.78
N ALA A 10 2.57 3.42 -9.48
CA ALA A 10 3.27 4.69 -9.48
C ALA A 10 3.80 4.97 -8.09
N GLY A 11 5.12 4.95 -7.96
CA GLY A 11 5.79 5.21 -6.68
C GLY A 11 6.54 6.51 -6.75
N GLY A 12 6.93 7.01 -5.58
CA GLY A 12 7.71 8.24 -5.49
C GLY A 12 9.12 8.09 -6.04
N THR A 13 9.66 6.88 -5.94
CA THR A 13 11.03 6.59 -6.42
C THR A 13 11.06 5.86 -7.78
N LYS A 14 10.15 4.93 -8.01
CA LYS A 14 10.06 4.27 -9.32
C LYS A 14 8.61 4.02 -9.75
N PHE A 15 8.43 3.84 -11.05
CA PHE A 15 7.23 3.30 -11.63
C PHE A 15 7.50 1.85 -12.02
N VAL A 16 6.51 0.99 -11.79
CA VAL A 16 6.48 -0.35 -12.33
C VAL A 16 5.26 -0.39 -13.27
N CYS A 17 5.48 -0.82 -14.51
CA CYS A 17 4.39 -1.11 -15.43
C CYS A 17 4.42 -2.58 -15.77
N ALA A 18 3.24 -3.15 -15.96
CA ALA A 18 3.12 -4.56 -16.24
C ALA A 18 1.98 -4.79 -17.19
N VAL A 19 2.11 -5.88 -17.94
CA VAL A 19 1.03 -6.41 -18.75
C VAL A 19 0.70 -7.77 -18.17
N GLY A 20 -0.59 -8.04 -18.00
CA GLY A 20 -1.02 -9.29 -17.39
C GLY A 20 -2.47 -9.63 -17.70
N ARG A 21 -2.99 -10.58 -16.94
CA ARG A 21 -4.32 -11.15 -17.16
C ARG A 21 -5.22 -10.94 -15.93
N GLU A 22 -6.51 -11.15 -16.12
CA GLU A 22 -7.51 -10.95 -15.05
C GLU A 22 -7.28 -11.87 -13.86
N ASP A 23 -6.61 -13.00 -14.08
CA ASP A 23 -6.29 -13.95 -13.01
C ASP A 23 -5.01 -13.60 -12.25
N GLY A 24 -4.42 -12.44 -12.55
CA GLY A 24 -3.25 -11.98 -11.83
C GLY A 24 -1.92 -12.42 -12.42
N THR A 25 -1.94 -13.20 -13.50
CA THR A 25 -0.71 -13.57 -14.21
C THR A 25 0.01 -12.32 -14.74
N ILE A 26 1.29 -12.20 -14.44
CA ILE A 26 2.12 -11.15 -15.05
C ILE A 26 2.82 -11.74 -16.30
N ILE A 27 2.52 -11.15 -17.45
CA ILE A 27 3.08 -11.56 -18.74
C ILE A 27 4.45 -10.90 -19.00
N ASP A 28 4.54 -9.62 -18.67
CA ASP A 28 5.73 -8.85 -18.93
C ASP A 28 5.77 -7.70 -17.95
N ARG A 29 6.95 -7.19 -17.65
CA ARG A 29 7.03 -5.99 -16.82
C ARG A 29 8.25 -5.13 -17.10
N ILE A 30 8.15 -3.88 -16.69
CA ILE A 30 9.24 -2.94 -16.77
C ILE A 30 9.19 -2.00 -15.55
N GLU A 31 10.35 -1.48 -15.17
CA GLU A 31 10.40 -0.40 -14.21
C GLU A 31 11.40 0.66 -14.61
N PHE A 32 11.17 1.88 -14.14
CA PHE A 32 12.04 3.00 -14.41
C PHE A 32 11.92 4.03 -13.29
N PRO A 33 12.97 4.84 -13.08
CA PRO A 33 12.92 5.92 -12.07
C PRO A 33 11.76 6.88 -12.30
N THR A 34 11.14 7.29 -11.20
CA THR A 34 10.15 8.36 -11.24
C THR A 34 10.89 9.69 -11.40
N LYS A 35 10.59 10.40 -12.48
CA LYS A 35 11.14 11.72 -12.69
C LYS A 35 9.99 12.75 -12.66
N MET A 36 10.05 13.76 -13.53
CA MET A 36 8.94 14.70 -13.69
C MET A 36 7.79 14.02 -14.45
N PRO A 37 6.54 14.45 -14.19
CA PRO A 37 5.35 13.76 -14.73
C PRO A 37 5.34 13.49 -16.24
N ASP A 38 5.57 14.52 -17.05
CA ASP A 38 5.49 14.41 -18.52
C ASP A 38 6.40 13.31 -19.06
N GLU A 39 7.66 13.34 -18.66
CA GLU A 39 8.66 12.36 -19.12
C GLU A 39 8.43 10.95 -18.54
N THR A 40 7.91 10.87 -17.32
CA THR A 40 7.65 9.57 -16.68
C THR A 40 6.47 8.89 -17.39
N ILE A 41 5.40 9.64 -17.61
CA ILE A 41 4.22 9.13 -18.27
C ILE A 41 4.47 8.80 -19.75
N GLU A 42 5.38 9.53 -20.38
CA GLU A 42 5.79 9.21 -21.75
C GLU A 42 6.38 7.79 -21.85
N LYS A 43 7.23 7.43 -20.88
CA LYS A 43 7.78 6.07 -20.80
C LYS A 43 6.70 5.00 -20.58
N VAL A 44 5.67 5.35 -19.81
CA VAL A 44 4.54 4.46 -19.60
C VAL A 44 3.84 4.18 -20.93
N ILE A 45 3.53 5.26 -21.64
CA ILE A 45 2.82 5.18 -22.92
C ILE A 45 3.67 4.40 -23.95
N GLN A 46 4.97 4.67 -23.99
CA GLN A 46 5.86 3.99 -24.92
C GLN A 46 5.91 2.48 -24.64
N TYR A 47 5.95 2.11 -23.35
CA TYR A 47 5.91 0.71 -22.96
C TYR A 47 4.60 0.04 -23.37
N PHE A 48 3.46 0.64 -23.03
CA PHE A 48 2.18 0.04 -23.34
C PHE A 48 1.84 -0.02 -24.84
N SER A 49 2.46 0.87 -25.63
CA SER A 49 2.22 0.94 -27.07
C SER A 49 2.54 -0.39 -27.81
N GLN A 50 3.47 -1.17 -27.27
N GLN A 50 3.42 -1.17 -27.22
CA GLN A 50 3.84 -2.47 -27.86
CA GLN A 50 3.88 -2.43 -27.81
C GLN A 50 2.66 -3.45 -27.88
C GLN A 50 2.86 -3.56 -27.64
N PHE A 51 1.78 -3.30 -26.90
CA PHE A 51 0.75 -4.30 -26.65
C PHE A 51 -0.61 -3.80 -27.09
N SER A 52 -1.56 -4.72 -27.16
CA SER A 52 -2.94 -4.36 -27.45
C SER A 52 -3.76 -4.65 -26.19
N LEU A 53 -3.97 -3.61 -25.39
CA LEU A 53 -4.56 -3.75 -24.06
C LEU A 53 -6.05 -3.41 -24.06
N GLN A 54 -6.81 -4.16 -23.28
CA GLN A 54 -8.25 -3.95 -23.12
C GLN A 54 -8.56 -2.86 -22.07
N ALA A 55 -7.67 -2.71 -21.08
CA ALA A 55 -7.87 -1.80 -19.94
C ALA A 55 -6.57 -1.62 -19.16
N ILE A 56 -6.46 -0.51 -18.42
CA ILE A 56 -5.31 -0.22 -17.57
C ILE A 56 -5.77 0.06 -16.14
N GLY A 57 -4.94 -0.28 -15.16
CA GLY A 57 -5.17 0.11 -13.78
C GLY A 57 -3.99 0.87 -13.22
N ILE A 58 -4.29 1.95 -12.50
CA ILE A 58 -3.26 2.74 -11.82
C ILE A 58 -3.39 2.62 -10.30
N GLY A 59 -2.32 2.21 -9.63
CA GLY A 59 -2.22 2.28 -8.18
C GLY A 59 -1.15 3.30 -7.85
N SER A 60 -1.55 4.43 -7.27
CA SER A 60 -0.65 5.59 -7.13
C SER A 60 -0.27 5.92 -5.70
N PHE A 61 0.95 6.42 -5.51
CA PHE A 61 1.30 7.11 -4.26
C PHE A 61 0.39 8.34 -4.10
N GLY A 62 0.22 8.79 -2.86
CA GLY A 62 -0.71 9.88 -2.59
C GLY A 62 -0.27 10.70 -1.39
N PRO A 63 -1.22 11.39 -0.74
CA PRO A 63 -2.66 11.41 -1.01
C PRO A 63 -3.06 11.72 -2.46
N VAL A 64 -4.16 11.09 -2.86
CA VAL A 64 -4.74 11.27 -4.18
C VAL A 64 -6.21 11.64 -3.99
N ASP A 65 -6.80 12.18 -5.05
CA ASP A 65 -8.24 12.39 -5.07
C ASP A 65 -8.87 11.13 -5.65
N ASN A 66 -9.41 10.30 -4.77
CA ASN A 66 -9.97 9.02 -5.18
C ASN A 66 -11.50 9.05 -5.15
N ASP A 67 -12.06 10.25 -5.21
CA ASP A 67 -13.51 10.42 -5.28
C ASP A 67 -13.92 10.50 -6.75
N LYS A 68 -14.56 9.44 -7.23
CA LYS A 68 -14.94 9.30 -8.64
C LYS A 68 -15.80 10.43 -9.19
N THR A 69 -16.47 11.16 -8.30
CA THR A 69 -17.36 12.24 -8.69
C THR A 69 -16.64 13.59 -8.69
N SER A 70 -15.41 13.61 -8.19
CA SER A 70 -14.65 14.86 -8.07
C SER A 70 -14.05 15.31 -9.40
N GLN A 71 -13.95 16.62 -9.57
CA GLN A 71 -13.38 17.21 -10.79
C GLN A 71 -11.89 16.92 -10.89
N THR A 72 -11.25 16.73 -9.74
CA THR A 72 -9.83 16.41 -9.70
C THR A 72 -9.55 14.92 -9.43
N TYR A 73 -10.53 14.06 -9.73
CA TYR A 73 -10.41 12.62 -9.62
C TYR A 73 -9.19 12.11 -10.39
N GLY A 74 -8.39 11.26 -9.75
CA GLY A 74 -7.25 10.68 -10.42
C GLY A 74 -6.04 11.60 -10.52
N THR A 75 -5.89 12.48 -9.53
CA THR A 75 -4.70 13.30 -9.38
C THR A 75 -4.11 13.11 -7.99
N ILE A 76 -2.82 13.38 -7.86
CA ILE A 76 -2.14 13.41 -6.58
C ILE A 76 -2.38 14.80 -5.96
N THR A 77 -2.82 14.81 -4.72
CA THR A 77 -3.33 16.03 -4.11
C THR A 77 -2.31 16.65 -3.17
N ALA A 78 -1.35 15.84 -2.71
CA ALA A 78 -0.28 16.33 -1.86
C ALA A 78 0.98 15.50 -2.07
N THR A 79 2.08 16.20 -2.34
CA THR A 79 3.41 15.61 -2.47
C THR A 79 4.47 16.73 -2.52
N PRO A 80 5.65 16.49 -1.91
CA PRO A 80 6.80 17.38 -2.10
C PRO A 80 7.53 17.17 -3.42
N LYS A 81 7.14 16.17 -4.23
CA LYS A 81 7.82 15.85 -5.49
C LYS A 81 7.44 16.83 -6.58
N ALA A 82 8.45 17.42 -7.22
CA ALA A 82 8.25 18.49 -8.21
C ALA A 82 7.37 18.05 -9.38
N GLY A 83 6.34 18.84 -9.66
CA GLY A 83 5.46 18.59 -10.80
C GLY A 83 4.26 17.69 -10.55
N TRP A 84 4.32 16.85 -9.52
CA TRP A 84 3.29 15.79 -9.36
C TRP A 84 1.95 16.23 -8.76
N ARG A 85 1.99 17.16 -7.81
CA ARG A 85 0.74 17.67 -7.21
C ARG A 85 -0.15 18.31 -8.27
N HIS A 86 -1.39 17.85 -8.35
N HIS A 86 -1.39 17.85 -8.32
CA HIS A 86 -2.42 18.38 -9.26
CA HIS A 86 -2.45 18.32 -9.24
C HIS A 86 -2.18 17.98 -10.72
C HIS A 86 -2.19 17.98 -10.72
N TYR A 87 -1.13 17.22 -10.99
CA TYR A 87 -0.88 16.75 -12.36
C TYR A 87 -2.02 15.79 -12.77
N PRO A 88 -2.64 16.02 -13.96
CA PRO A 88 -3.77 15.21 -14.43
C PRO A 88 -3.37 13.77 -14.84
N PHE A 89 -2.96 12.99 -13.84
CA PHE A 89 -2.39 11.64 -14.04
C PHE A 89 -3.35 10.70 -14.76
N LEU A 90 -4.49 10.43 -14.14
CA LEU A 90 -5.51 9.55 -14.71
C LEU A 90 -5.97 10.01 -16.09
N GLN A 91 -6.32 11.29 -16.22
CA GLN A 91 -6.87 11.81 -17.48
C GLN A 91 -5.86 11.73 -18.62
N THR A 92 -4.60 12.01 -18.32
CA THR A 92 -3.51 11.88 -19.31
C THR A 92 -3.38 10.44 -19.84
N VAL A 93 -3.43 9.46 -18.94
CA VAL A 93 -3.38 8.05 -19.36
C VAL A 93 -4.63 7.67 -20.17
N LYS A 94 -5.81 8.11 -19.74
CA LYS A 94 -7.05 7.88 -20.49
C LYS A 94 -6.97 8.45 -21.91
N ASN A 95 -6.51 9.70 -22.02
CA ASN A 95 -6.41 10.41 -23.31
C ASN A 95 -5.45 9.72 -24.28
N GLU A 96 -4.33 9.23 -23.75
CA GLU A 96 -3.29 8.60 -24.56
C GLU A 96 -3.63 7.19 -24.97
N MET A 97 -4.32 6.45 -24.10
CA MET A 97 -4.56 5.03 -24.30
C MET A 97 -5.94 4.72 -24.86
N LYS A 98 -6.89 5.60 -24.59
CA LYS A 98 -8.26 5.51 -25.14
C LYS A 98 -8.92 4.16 -24.88
N ILE A 99 -8.70 3.66 -23.66
CA ILE A 99 -9.34 2.44 -23.14
C ILE A 99 -9.73 2.74 -21.68
N PRO A 100 -10.57 1.89 -21.06
CA PRO A 100 -10.88 2.11 -19.64
C PRO A 100 -9.63 2.13 -18.74
N VAL A 101 -9.56 3.08 -17.80
CA VAL A 101 -8.46 3.15 -16.84
C VAL A 101 -8.99 3.24 -15.42
N GLY A 102 -8.66 2.23 -14.61
CA GLY A 102 -9.01 2.21 -13.19
C GLY A 102 -7.99 2.97 -12.40
N PHE A 103 -8.38 3.47 -11.24
CA PHE A 103 -7.51 4.29 -10.41
C PHE A 103 -7.75 4.00 -8.93
N SER A 104 -6.65 3.93 -8.17
CA SER A 104 -6.75 3.87 -6.71
C SER A 104 -5.41 4.20 -6.10
N THR A 105 -5.30 4.13 -4.78
CA THR A 105 -3.98 4.26 -4.16
C THR A 105 -3.18 2.97 -4.39
N ASP A 106 -1.87 3.08 -4.24
CA ASP A 106 -0.96 1.93 -4.38
C ASP A 106 -1.27 0.81 -3.36
N VAL A 107 -1.56 1.20 -2.10
CA VAL A 107 -1.89 0.22 -1.05
C VAL A 107 -3.26 -0.42 -1.23
N ASN A 108 -4.21 0.33 -1.78
CA ASN A 108 -5.50 -0.22 -2.17
C ASN A 108 -5.34 -1.31 -3.20
N ALA A 109 -4.49 -1.07 -4.20
CA ALA A 109 -4.24 -2.08 -5.23
C ALA A 109 -3.65 -3.34 -4.58
N ALA A 110 -2.71 -3.18 -3.65
CA ALA A 110 -2.11 -4.33 -2.95
C ALA A 110 -3.15 -5.12 -2.14
N ALA A 111 -4.05 -4.40 -1.48
CA ALA A 111 -5.20 -5.03 -0.80
C ALA A 111 -6.03 -5.87 -1.77
N LEU A 112 -6.33 -5.33 -2.95
CA LEU A 112 -7.13 -6.07 -3.94
C LEU A 112 -6.39 -7.31 -4.42
N GLY A 113 -5.08 -7.17 -4.66
CA GLY A 113 -4.22 -8.32 -4.96
C GLY A 113 -4.37 -9.44 -3.93
N GLU A 114 -4.14 -9.13 -2.66
CA GLU A 114 -4.25 -10.15 -1.61
C GLU A 114 -5.68 -10.65 -1.40
N PHE A 115 -6.65 -9.77 -1.65
CA PHE A 115 -8.06 -10.08 -1.48
C PHE A 115 -8.53 -11.09 -2.53
N LEU A 116 -8.08 -10.92 -3.77
CA LEU A 116 -8.44 -11.85 -4.83
C LEU A 116 -7.56 -13.09 -4.94
N PHE A 117 -6.27 -12.95 -4.66
CA PHE A 117 -5.30 -14.01 -4.97
C PHE A 117 -4.37 -14.34 -3.82
N GLY A 118 -4.51 -13.67 -2.70
CA GLY A 118 -3.55 -13.83 -1.62
C GLY A 118 -4.18 -14.28 -0.31
N GLU A 119 -3.67 -13.72 0.79
CA GLU A 119 -4.04 -14.18 2.13
C GLU A 119 -5.49 -13.88 2.54
N ALA A 120 -6.21 -13.04 1.80
CA ALA A 120 -7.59 -12.72 2.13
C ALA A 120 -8.60 -13.32 1.15
N LYS A 121 -8.10 -14.18 0.28
CA LYS A 121 -8.95 -14.91 -0.66
C LYS A 121 -9.98 -15.70 0.13
N GLY A 122 -11.24 -15.62 -0.27
CA GLY A 122 -12.31 -16.26 0.50
C GLY A 122 -12.88 -15.45 1.68
N LEU A 123 -12.22 -14.36 2.07
CA LEU A 123 -12.76 -13.43 3.07
C LEU A 123 -13.45 -12.25 2.39
N ASP A 124 -14.25 -11.48 3.15
CA ASP A 124 -14.84 -10.28 2.57
C ASP A 124 -14.25 -9.02 3.20
N SER A 125 -13.21 -9.22 3.99
CA SER A 125 -12.53 -8.12 4.67
C SER A 125 -11.02 -8.38 4.80
N CYS A 126 -10.22 -7.33 4.62
CA CYS A 126 -8.81 -7.37 4.97
C CYS A 126 -8.22 -5.96 5.04
N LEU A 127 -7.00 -5.89 5.55
CA LEU A 127 -6.23 -4.66 5.65
C LEU A 127 -4.81 -4.97 5.20
N TYR A 128 -4.35 -4.25 4.17
CA TYR A 128 -2.98 -4.34 3.69
C TYR A 128 -2.22 -3.09 4.11
N ILE A 129 -1.10 -3.31 4.81
CA ILE A 129 -0.24 -2.22 5.25
C ILE A 129 1.15 -2.36 4.63
N THR A 130 1.66 -1.28 4.03
CA THR A 130 3.05 -1.29 3.59
C THR A 130 3.90 -0.51 4.59
N ILE A 131 5.04 -1.08 4.95
CA ILE A 131 5.99 -0.37 5.79
C ILE A 131 7.35 -0.32 5.09
N GLY A 132 7.69 0.86 4.56
CA GLY A 132 8.96 1.06 3.85
C GLY A 132 9.39 2.51 3.97
N THR A 133 9.51 3.19 2.84
CA THR A 133 9.88 4.61 2.83
C THR A 133 8.84 5.43 3.59
N GLY A 134 7.58 5.00 3.47
CA GLY A 134 6.48 5.56 4.23
C GLY A 134 5.59 4.43 4.72
N ILE A 135 4.53 4.79 5.44
CA ILE A 135 3.55 3.79 5.88
C ILE A 135 2.16 4.15 5.36
N GLY A 136 1.49 3.19 4.72
CA GLY A 136 0.14 3.41 4.23
C GLY A 136 -0.64 2.12 4.26
N ALA A 137 -1.97 2.23 4.26
CA ALA A 137 -2.83 1.05 4.31
C ALA A 137 -4.05 1.16 3.43
N GLY A 138 -4.46 0.04 2.88
CA GLY A 138 -5.72 -0.07 2.16
C GLY A 138 -6.57 -1.16 2.78
N ALA A 139 -7.87 -0.90 2.87
CA ALA A 139 -8.82 -1.80 3.53
C ALA A 139 -9.93 -2.22 2.58
N ILE A 140 -10.34 -3.48 2.70
CA ILE A 140 -11.51 -4.03 2.03
C ILE A 140 -12.56 -4.27 3.12
N VAL A 141 -13.78 -3.79 2.88
CA VAL A 141 -14.89 -3.91 3.81
C VAL A 141 -16.08 -4.42 3.00
N GLU A 142 -16.64 -5.56 3.40
CA GLU A 142 -17.75 -6.19 2.66
C GLU A 142 -17.42 -6.32 1.17
N GLY A 143 -16.19 -6.73 0.87
CA GLY A 143 -15.79 -6.96 -0.52
C GLY A 143 -15.44 -5.73 -1.34
N ARG A 144 -15.41 -4.55 -0.71
N ARG A 144 -15.42 -4.55 -0.73
CA ARG A 144 -15.16 -3.28 -1.42
CA ARG A 144 -15.13 -3.31 -1.46
C ARG A 144 -14.09 -2.46 -0.73
C ARG A 144 -14.10 -2.44 -0.74
N LEU A 145 -13.25 -1.77 -1.51
CA LEU A 145 -12.26 -0.85 -0.95
C LEU A 145 -12.95 0.22 -0.10
N LEU A 146 -12.36 0.48 1.05
CA LEU A 146 -12.80 1.55 1.95
C LEU A 146 -12.42 2.92 1.41
N GLN A 147 -13.42 3.74 1.11
CA GLN A 147 -13.24 5.09 0.60
C GLN A 147 -14.37 5.94 1.18
N GLY A 148 -14.08 6.68 2.25
CA GLY A 148 -15.07 7.57 2.83
C GLY A 148 -14.90 8.96 2.27
N LEU A 149 -14.69 9.93 3.14
CA LEU A 149 -14.42 11.30 2.75
C LEU A 149 -13.11 11.35 1.93
N SER A 150 -12.15 10.54 2.35
CA SER A 150 -10.87 10.35 1.69
C SER A 150 -10.55 8.87 1.73
N HIS A 151 -9.59 8.42 0.92
CA HIS A 151 -8.96 7.13 1.19
C HIS A 151 -8.28 7.27 2.55
N PRO A 152 -8.08 6.14 3.27
CA PRO A 152 -7.40 6.25 4.56
C PRO A 152 -5.96 6.74 4.44
N GLU A 153 -5.42 7.24 5.55
CA GLU A 153 -3.98 7.56 5.67
C GLU A 153 -3.54 7.03 7.02
N MET A 154 -3.59 5.72 7.14
CA MET A 154 -3.44 5.04 8.42
C MET A 154 -2.03 5.13 9.00
N GLY A 155 -1.06 5.48 8.15
CA GLY A 155 0.32 5.61 8.58
C GLY A 155 0.60 6.84 9.42
N HIS A 156 -0.34 7.79 9.44
CA HIS A 156 -0.12 9.05 10.12
C HIS A 156 -0.82 9.21 11.48
N ILE A 157 -1.30 8.09 12.02
CA ILE A 157 -1.91 8.08 13.35
C ILE A 157 -0.84 8.23 14.42
N TYR A 158 -1.21 8.89 15.51
CA TYR A 158 -0.33 8.92 16.65
C TYR A 158 -0.40 7.56 17.38
N ILE A 159 0.75 7.06 17.78
CA ILE A 159 0.81 5.87 18.61
C ILE A 159 1.61 6.29 19.84
N ARG A 160 1.63 5.43 20.86
CA ARG A 160 2.35 5.73 22.10
C ARG A 160 3.86 5.66 21.86
N ARG A 161 4.58 6.72 22.19
CA ARG A 161 6.04 6.67 22.17
C ARG A 161 6.51 5.64 23.17
N HIS A 162 7.50 4.83 22.79
CA HIS A 162 8.17 3.96 23.76
C HIS A 162 8.96 4.85 24.73
N PRO A 163 8.76 4.67 26.05
CA PRO A 163 9.41 5.56 27.03
C PRO A 163 10.94 5.68 26.90
N ASP A 164 11.60 4.63 26.41
CA ASP A 164 13.06 4.67 26.19
C ASP A 164 13.49 5.36 24.89
N ASP A 165 12.56 5.49 23.95
CA ASP A 165 12.87 6.02 22.62
C ASP A 165 12.95 7.54 22.65
N VAL A 166 14.09 8.06 22.22
CA VAL A 166 14.39 9.49 22.27
C VAL A 166 14.13 10.19 20.92
N TYR A 167 14.16 9.40 19.84
CA TYR A 167 14.03 9.91 18.46
C TYR A 167 12.76 10.75 18.24
N GLN A 168 12.95 11.89 17.57
CA GLN A 168 11.91 12.92 17.46
C GLN A 168 10.84 12.69 16.37
N GLY A 169 11.18 11.88 15.36
CA GLY A 169 10.23 11.50 14.32
C GLY A 169 10.52 12.10 12.96
N LYS A 170 10.40 11.27 11.94
CA LYS A 170 10.73 11.64 10.56
C LYS A 170 9.65 12.45 9.82
N CYS A 171 8.39 12.37 10.28
CA CYS A 171 7.27 12.92 9.50
C CYS A 171 7.22 14.45 9.42
N PRO A 172 7.27 15.00 8.20
CA PRO A 172 7.28 16.46 8.02
C PRO A 172 5.98 17.14 8.46
N TYR A 173 4.89 16.38 8.54
CA TYR A 173 3.61 16.90 9.02
C TYR A 173 3.42 16.77 10.53
N HIS A 174 3.74 15.61 11.10
CA HIS A 174 3.37 15.30 12.48
C HIS A 174 4.55 15.10 13.42
N GLY A 175 5.72 14.86 12.84
CA GLY A 175 6.89 14.49 13.65
C GLY A 175 6.82 13.02 14.03
N ASP A 176 6.21 12.74 15.18
CA ASP A 176 6.20 11.38 15.73
C ASP A 176 4.87 10.61 15.61
N CYS A 177 4.24 10.68 14.43
CA CYS A 177 3.19 9.73 14.08
C CYS A 177 3.81 8.35 13.83
N PHE A 178 2.96 7.37 13.53
CA PHE A 178 3.39 6.00 13.25
C PHE A 178 4.49 5.97 12.17
N GLU A 179 4.24 6.62 11.04
CA GLU A 179 5.23 6.74 9.98
C GLU A 179 6.53 7.40 10.45
N GLY A 180 6.39 8.49 11.20
CA GLY A 180 7.53 9.22 11.75
C GLY A 180 8.42 8.37 12.65
N LEU A 181 7.82 7.44 13.40
CA LEU A 181 8.55 6.59 14.33
C LEU A 181 9.01 5.25 13.74
N ALA A 182 8.35 4.77 12.69
CA ALA A 182 8.48 3.37 12.30
C ALA A 182 8.72 3.08 10.81
N SER A 183 8.87 4.11 9.99
CA SER A 183 9.23 3.89 8.59
C SER A 183 10.69 3.41 8.46
N GLY A 184 11.06 2.91 7.29
CA GLY A 184 12.47 2.68 6.94
C GLY A 184 13.37 3.87 7.28
N PRO A 185 13.14 5.03 6.63
CA PRO A 185 13.88 6.26 6.93
C PRO A 185 13.89 6.68 8.40
N ALA A 186 12.84 6.34 9.16
CA ALA A 186 12.81 6.59 10.61
C ALA A 186 13.76 5.68 11.38
N ILE A 187 13.76 4.40 11.02
CA ILE A 187 14.68 3.41 11.59
C ILE A 187 16.14 3.86 11.37
N GLU A 188 16.46 4.19 10.13
CA GLU A 188 17.79 4.63 9.72
C GLU A 188 18.25 5.88 10.47
N ALA A 189 17.44 6.94 10.46
CA ALA A 189 17.76 8.19 11.15
C ALA A 189 17.89 8.01 12.67
N ARG A 190 17.19 7.03 13.22
CA ARG A 190 17.26 6.75 14.65
C ARG A 190 18.55 6.03 15.04
N TRP A 191 18.88 4.97 14.31
CA TRP A 191 19.97 4.07 14.68
C TRP A 191 21.29 4.36 13.94
N GLY A 192 21.25 5.28 12.98
CA GLY A 192 22.44 5.69 12.22
C GLY A 192 22.91 4.73 11.14
N LYS A 193 22.20 3.62 10.96
CA LYS A 193 22.51 2.65 9.90
C LYS A 193 21.25 2.31 9.10
N LYS A 194 21.42 1.93 7.83
CA LYS A 194 20.30 1.43 7.03
C LYS A 194 19.83 0.08 7.55
N ALA A 195 18.52 -0.19 7.40
CA ALA A 195 17.90 -1.40 7.97
C ALA A 195 18.32 -2.68 7.26
N ALA A 196 19.60 -3.02 7.39
CA ALA A 196 20.17 -4.26 6.87
C ALA A 196 21.45 -4.50 7.66
N ASP A 197 22.17 -3.41 7.92
CA ASP A 197 23.27 -3.41 8.90
C ASP A 197 22.73 -3.57 10.31
N LEU A 198 21.41 -3.51 10.45
CA LEU A 198 20.77 -3.58 11.77
C LEU A 198 20.08 -4.91 12.02
N SER A 199 20.06 -5.76 10.99
CA SER A 199 19.45 -7.10 11.06
C SER A 199 19.86 -7.92 12.29
N ASP A 200 21.01 -7.58 12.86
CA ASP A 200 21.61 -8.32 13.97
C ASP A 200 21.34 -7.71 15.34
N ILE A 201 20.95 -6.44 15.38
CA ILE A 201 20.62 -5.74 16.62
C ILE A 201 19.13 -5.96 16.97
N ALA A 202 18.89 -6.77 17.99
CA ALA A 202 17.55 -7.23 18.35
C ALA A 202 16.60 -6.12 18.83
N GLN A 203 17.14 -5.08 19.46
CA GLN A 203 16.29 -4.01 20.00
C GLN A 203 15.72 -3.05 18.93
N VAL A 204 16.31 -3.06 17.74
CA VAL A 204 15.78 -2.30 16.59
C VAL A 204 14.41 -2.86 16.20
N TRP A 205 14.32 -4.19 16.16
CA TRP A 205 13.14 -4.89 15.69
C TRP A 205 12.13 -5.11 16.81
N GLU A 206 12.63 -5.07 18.04
CA GLU A 206 11.79 -5.08 19.22
C GLU A 206 11.01 -3.78 19.25
N LEU A 207 11.70 -2.67 19.03
CA LEU A 207 11.10 -1.33 19.06
C LEU A 207 10.15 -1.15 17.87
N GLU A 208 10.56 -1.64 16.70
CA GLU A 208 9.76 -1.55 15.49
C GLU A 208 8.49 -2.39 15.63
N GLY A 209 8.64 -3.62 16.12
CA GLY A 209 7.52 -4.52 16.39
C GLY A 209 6.54 -3.94 17.41
N TYR A 210 7.08 -3.25 18.40
CA TYR A 210 6.29 -2.58 19.41
C TYR A 210 5.43 -1.46 18.79
N TYR A 211 6.05 -0.64 17.95
CA TYR A 211 5.34 0.44 17.27
C TYR A 211 4.28 -0.08 16.29
N ILE A 212 4.61 -1.12 15.52
CA ILE A 212 3.64 -1.69 14.60
C ILE A 212 2.47 -2.30 15.36
N ALA A 213 2.76 -2.96 16.49
CA ALA A 213 1.71 -3.57 17.31
C ALA A 213 0.75 -2.53 17.88
N GLN A 214 1.29 -1.38 18.28
CA GLN A 214 0.46 -0.28 18.79
C GLN A 214 -0.51 0.20 17.70
N ALA A 215 -0.02 0.34 16.47
CA ALA A 215 -0.85 0.75 15.37
C ALA A 215 -1.89 -0.31 15.06
N LEU A 216 -1.49 -1.59 15.08
CA LEU A 216 -2.43 -2.67 14.74
C LEU A 216 -3.59 -2.78 15.74
N ALA A 217 -3.31 -2.62 17.02
CA ALA A 217 -4.36 -2.58 18.04
C ALA A 217 -5.40 -1.50 17.72
N GLN A 218 -4.94 -0.32 17.30
CA GLN A 218 -5.86 0.76 16.85
C GLN A 218 -6.73 0.33 15.68
N TYR A 219 -6.10 -0.28 14.66
CA TYR A 219 -6.84 -0.72 13.46
C TYR A 219 -7.85 -1.82 13.83
N ILE A 220 -7.45 -2.71 14.73
CA ILE A 220 -8.30 -3.82 15.17
C ILE A 220 -9.53 -3.28 15.91
N LEU A 221 -9.32 -2.31 16.80
CA LEU A 221 -10.42 -1.72 17.60
C LEU A 221 -11.38 -0.85 16.78
N ILE A 222 -10.89 -0.25 15.70
CA ILE A 222 -11.69 0.66 14.88
C ILE A 222 -12.32 -0.07 13.68
N LEU A 223 -11.50 -0.80 12.93
CA LEU A 223 -11.93 -1.50 11.72
C LEU A 223 -12.27 -2.97 11.93
N ALA A 224 -11.49 -3.63 12.80
CA ALA A 224 -11.60 -5.08 13.04
C ALA A 224 -11.51 -5.90 11.74
N PRO A 225 -10.39 -5.74 11.00
CA PRO A 225 -10.31 -6.47 9.72
C PRO A 225 -10.20 -7.97 9.99
N LYS A 226 -10.60 -8.79 9.03
CA LYS A 226 -10.56 -10.24 9.19
C LYS A 226 -9.19 -10.83 8.85
N LYS A 227 -8.32 -9.98 8.31
CA LYS A 227 -6.95 -10.36 7.96
C LYS A 227 -6.11 -9.10 7.89
N ILE A 228 -4.90 -9.15 8.45
CA ILE A 228 -3.98 -8.04 8.35
C ILE A 228 -2.71 -8.51 7.64
N ILE A 229 -2.41 -7.86 6.51
CA ILE A 229 -1.27 -8.24 5.66
C ILE A 229 -0.23 -7.13 5.73
N LEU A 230 1.00 -7.49 6.13
CA LEU A 230 2.09 -6.53 6.29
C LEU A 230 3.18 -6.73 5.23
N GLY A 231 3.38 -5.70 4.40
CA GLY A 231 4.38 -5.73 3.35
C GLY A 231 5.30 -4.54 3.44
N GLY A 232 6.12 -4.36 2.39
CA GLY A 232 7.07 -3.26 2.36
C GLY A 232 8.46 -3.72 2.76
N GLY A 233 9.45 -2.90 2.43
CA GLY A 233 10.85 -3.20 2.68
C GLY A 233 11.21 -3.51 4.12
N VAL A 234 10.63 -2.76 5.06
CA VAL A 234 10.89 -3.01 6.49
C VAL A 234 10.50 -4.43 6.90
N MET A 235 9.40 -4.94 6.35
CA MET A 235 8.86 -6.23 6.72
C MET A 235 9.66 -7.42 6.16
N GLN A 236 10.70 -7.10 5.39
CA GLN A 236 11.67 -8.11 4.94
C GLN A 236 12.53 -8.60 6.11
N GLN A 237 12.61 -7.80 7.16
CA GLN A 237 13.15 -8.24 8.43
C GLN A 237 12.10 -9.09 9.14
N LYS A 238 11.97 -10.34 8.71
CA LYS A 238 10.92 -11.27 9.20
C LYS A 238 10.84 -11.43 10.73
N GLN A 239 11.90 -11.04 11.43
CA GLN A 239 11.94 -11.10 12.90
C GLN A 239 10.91 -10.18 13.54
N VAL A 240 10.56 -9.09 12.86
CA VAL A 240 9.62 -8.09 13.40
C VAL A 240 8.24 -8.71 13.69
N PHE A 241 7.84 -9.69 12.88
CA PHE A 241 6.58 -10.41 13.04
C PHE A 241 6.45 -11.03 14.44
N SER A 242 7.50 -11.75 14.88
CA SER A 242 7.46 -12.42 16.18
C SER A 242 7.22 -11.43 17.32
N TYR A 243 7.86 -10.26 17.25
CA TYR A 243 7.62 -9.19 18.21
C TYR A 243 6.17 -8.67 18.16
N ILE A 244 5.65 -8.44 16.95
CA ILE A 244 4.25 -8.05 16.78
C ILE A 244 3.32 -9.08 17.43
N TYR A 245 3.56 -10.36 17.17
CA TYR A 245 2.75 -11.43 17.74
C TYR A 245 2.75 -11.43 19.26
N GLN A 246 3.89 -11.04 19.86
CA GLN A 246 4.04 -10.95 21.31
C GLN A 246 3.29 -9.74 21.86
N TYR A 247 3.43 -8.62 21.16
CA TYR A 247 2.96 -7.33 21.67
C TYR A 247 1.48 -7.04 21.53
N VAL A 248 0.86 -7.45 20.41
CA VAL A 248 -0.56 -7.16 20.17
C VAL A 248 -1.50 -7.68 21.29
N PRO A 249 -1.40 -8.99 21.67
CA PRO A 249 -2.24 -9.46 22.78
C PRO A 249 -1.98 -8.74 24.11
N LYS A 250 -0.72 -8.34 24.35
CA LYS A 250 -0.39 -7.57 25.55
C LYS A 250 -1.10 -6.21 25.59
N ILE A 251 -1.08 -5.50 24.47
CA ILE A 251 -1.72 -4.17 24.34
C ILE A 251 -3.24 -4.26 24.53
N MET A 252 -3.85 -5.27 23.95
CA MET A 252 -5.29 -5.38 23.99
C MET A 252 -5.82 -6.06 25.24
N ASN A 253 -4.96 -6.83 25.89
CA ASN A 253 -5.23 -7.37 27.22
C ASN A 253 -6.56 -8.13 27.35
N SER A 254 -6.80 -9.02 26.39
CA SER A 254 -7.97 -9.91 26.36
C SER A 254 -9.34 -9.22 26.24
N TYR A 255 -9.33 -7.97 25.81
CA TYR A 255 -10.57 -7.20 25.71
C TYR A 255 -11.55 -7.76 24.67
N LEU A 256 -11.03 -8.25 23.55
CA LEU A 256 -11.86 -8.87 22.52
C LEU A 256 -11.44 -10.33 22.33
N ASP A 257 -12.37 -11.23 22.56
CA ASP A 257 -12.07 -12.66 22.61
C ASP A 257 -12.24 -13.31 21.23
N PHE A 258 -11.12 -13.39 20.49
CA PHE A 258 -11.07 -14.00 19.18
C PHE A 258 -9.73 -14.69 19.06
N SER A 259 -9.72 -15.89 18.51
CA SER A 259 -8.46 -16.62 18.29
C SER A 259 -7.45 -15.87 17.40
N GLU A 260 -7.96 -15.07 16.46
CA GLU A 260 -7.14 -14.21 15.60
C GLU A 260 -6.24 -13.31 16.42
N LEU A 261 -6.71 -12.92 17.60
CA LEU A 261 -6.03 -11.91 18.40
C LEU A 261 -5.17 -12.51 19.50
N SER A 262 -5.21 -13.83 19.63
CA SER A 262 -4.48 -14.51 20.70
C SER A 262 -3.74 -15.74 20.17
N ASP A 263 -4.37 -16.91 20.24
CA ASP A 263 -3.71 -18.18 19.96
C ASP A 263 -3.29 -18.33 18.49
N ASP A 264 -4.13 -17.85 17.57
CA ASP A 264 -3.87 -17.95 16.13
C ASP A 264 -3.45 -16.61 15.50
N ILE A 265 -2.82 -15.75 16.28
CA ILE A 265 -2.37 -14.44 15.79
C ILE A 265 -1.38 -14.52 14.60
N SER A 266 -0.55 -15.56 14.59
CA SER A 266 0.45 -15.76 13.54
C SER A 266 -0.19 -16.07 12.19
N ASP A 267 -1.46 -16.48 12.21
CA ASP A 267 -2.26 -16.69 10.99
C ASP A 267 -3.16 -15.51 10.61
N TYR A 268 -3.17 -14.48 11.46
CA TYR A 268 -4.05 -13.32 11.29
C TYR A 268 -3.29 -12.11 10.76
N ILE A 269 -2.10 -11.91 11.31
CA ILE A 269 -1.19 -10.88 10.85
C ILE A 269 -0.05 -11.58 10.10
N VAL A 270 -0.03 -11.40 8.78
CA VAL A 270 0.77 -12.25 7.88
C VAL A 270 1.47 -11.44 6.78
N PRO A 271 2.57 -11.98 6.20
CA PRO A 271 3.15 -11.41 4.97
C PRO A 271 2.22 -11.67 3.78
N PRO A 272 2.33 -10.85 2.70
CA PRO A 272 1.49 -11.12 1.54
C PRO A 272 1.81 -12.45 0.85
N ARG A 273 0.78 -13.16 0.40
CA ARG A 273 1.03 -14.39 -0.34
C ARG A 273 1.71 -14.03 -1.67
N LEU A 274 1.34 -12.89 -2.23
CA LEU A 274 1.91 -12.42 -3.50
C LEU A 274 3.29 -11.80 -3.35
N GLY A 275 3.82 -11.78 -2.14
CA GLY A 275 5.14 -11.21 -1.88
C GLY A 275 5.19 -9.74 -2.22
N SER A 276 6.28 -9.31 -2.85
CA SER A 276 6.43 -7.90 -3.21
C SER A 276 5.63 -7.49 -4.46
N ASN A 277 4.81 -8.42 -4.97
CA ASN A 277 3.99 -8.16 -6.15
C ASN A 277 2.50 -7.92 -5.90
N ALA A 278 2.09 -7.86 -4.65
CA ALA A 278 0.67 -7.62 -4.34
C ALA A 278 0.15 -6.39 -5.08
N GLY A 279 0.89 -5.29 -5.00
CA GLY A 279 0.46 -4.02 -5.60
C GLY A 279 0.31 -4.06 -7.10
N ILE A 280 1.33 -4.54 -7.81
CA ILE A 280 1.24 -4.54 -9.28
C ILE A 280 0.16 -5.51 -9.79
N ILE A 281 0.02 -6.64 -9.10
CA ILE A 281 -1.05 -7.56 -9.42
C ILE A 281 -2.44 -6.95 -9.16
N GLY A 282 -2.57 -6.22 -8.04
CA GLY A 282 -3.83 -5.50 -7.75
C GLY A 282 -4.17 -4.43 -8.81
N THR A 283 -3.17 -3.85 -9.47
CA THR A 283 -3.45 -2.87 -10.53
C THR A 283 -4.12 -3.55 -11.72
N LEU A 284 -3.82 -4.84 -11.94
CA LEU A 284 -4.49 -5.64 -12.96
C LEU A 284 -5.96 -5.89 -12.58
N VAL A 285 -6.21 -6.06 -11.29
CA VAL A 285 -7.58 -6.17 -10.78
C VAL A 285 -8.32 -4.86 -11.07
N LEU A 286 -7.70 -3.72 -10.76
CA LEU A 286 -8.26 -2.39 -11.08
C LEU A 286 -8.55 -2.21 -12.57
N ALA A 287 -7.65 -2.72 -13.42
CA ALA A 287 -7.86 -2.68 -14.88
C ALA A 287 -9.12 -3.45 -15.28
N HIS A 288 -9.20 -4.68 -14.78
CA HIS A 288 -10.32 -5.57 -15.04
C HIS A 288 -11.65 -4.96 -14.56
N GLN A 289 -11.65 -4.37 -13.37
CA GLN A 289 -12.84 -3.70 -12.85
C GLN A 289 -13.28 -2.56 -13.75
N ALA A 290 -12.32 -1.75 -14.21
CA ALA A 290 -12.63 -0.67 -15.13
C ALA A 290 -13.19 -1.19 -16.45
N LEU A 291 -12.68 -2.32 -16.93
CA LEU A 291 -13.20 -2.95 -18.15
C LEU A 291 -14.65 -3.42 -17.96
N GLN A 292 -14.92 -4.07 -16.83
CA GLN A 292 -16.26 -4.53 -16.47
C GLN A 292 -17.26 -3.39 -16.28
N ALA A 293 -16.80 -2.28 -15.69
CA ALA A 293 -17.67 -1.15 -15.40
C ALA A 293 -18.04 -0.39 -16.68
N GLU A 294 -17.14 -0.41 -17.65
CA GLU A 294 -17.36 0.25 -18.93
C GLU A 294 -18.27 -0.62 -19.82
N ALA A 295 -18.12 -1.94 -19.70
CA ALA A 295 -18.95 -2.90 -20.43
C ALA A 295 -20.40 -2.90 -19.94
N ALA A 296 -20.62 -2.25 -18.79
CA ALA A 296 -21.94 -2.13 -18.19
C ALA A 296 -22.41 -0.67 -18.12
N SER A 297 -21.87 0.16 -19.02
CA SER A 297 -22.26 1.57 -19.14
C SER A 297 -23.74 1.73 -19.50
#